data_9FYJ
#
_entry.id   9FYJ
#
_cell.length_a   53.689
_cell.length_b   62.280
_cell.length_c   84.791
_cell.angle_alpha   90.000
_cell.angle_beta   90.000
_cell.angle_gamma   90.000
#
_symmetry.space_group_name_H-M   'P 21 21 21'
#
loop_
_entity.id
_entity.type
_entity.pdbx_description
1 polymer 'Isoform 1 of Galectin-8'
2 non-polymer '2-[[(2~{R},3~{R},4~{S},5~{S},6~{R})-2-(3,4-dichlorophenyl)sulfanyl-6-(hydroxymethyl)-5-oxidanyl-3-prop-2-ynoxy-oxan-4-yl]oxymethyl]-3-methyl-benzimidazole-5-carboxylic acid'
3 non-polymer 'CHLORIDE ION'
4 water water
#
_entity_poly.entity_id   1
_entity_poly.type   'polypeptide(L)'
_entity_poly.pdbx_seq_one_letter_code
;SLNNLQNIIYNPVIPFVGTIPDQLDPGTLIVIRGHVPSDADRFQVDLQNGSSMKPRADVAFHFNPRFKRAGCIVCNTLIN
EKWGREEITYDTPFKREKSFEIVIMVLKDKFQVAVNGKHTLLYGHRIGPEKIDTLGIYGKVNIHSIGFSFSSD
;
_entity_poly.pdbx_strand_id   A,B
#
loop_
_chem_comp.id
_chem_comp.type
_chem_comp.name
_chem_comp.formula
A1IHE non-polymer '2-[[(2~{R},3~{R},4~{S},5~{S},6~{R})-2-(3,4-dichlorophenyl)sulfanyl-6-(hydroxymethyl)-5-oxidanyl-3-prop-2-ynoxy-oxan-4-yl]oxymethyl]-3-methyl-benzimidazole-5-carboxylic acid' 'C25 H24 Cl2 N2 O7 S'
CL non-polymer 'CHLORIDE ION' 'Cl -1'
#
# COMPACT_ATOMS: atom_id res chain seq x y z
N LEU A 5 14.88 -9.18 -11.99
CA LEU A 5 16.16 -8.76 -11.40
C LEU A 5 16.63 -7.43 -11.94
N GLN A 6 16.00 -6.91 -12.98
CA GLN A 6 16.38 -5.60 -13.51
C GLN A 6 16.08 -4.49 -12.52
N ASN A 7 15.32 -4.78 -11.47
CA ASN A 7 14.84 -3.75 -10.56
C ASN A 7 15.53 -3.78 -9.20
N ILE A 8 16.70 -4.39 -9.11
CA ILE A 8 17.48 -4.44 -7.88
C ILE A 8 18.93 -4.10 -8.16
N ILE A 9 19.58 -3.51 -7.17
CA ILE A 9 21.01 -3.31 -7.21
C ILE A 9 21.58 -3.68 -5.85
N TYR A 10 22.72 -4.35 -5.85
CA TYR A 10 23.38 -4.73 -4.62
C TYR A 10 24.63 -3.90 -4.38
N ASN A 11 24.84 -3.57 -3.10
CA ASN A 11 26.07 -2.97 -2.62
C ASN A 11 26.51 -1.74 -3.42
N PRO A 12 25.60 -0.78 -3.64
CA PRO A 12 26.02 0.42 -4.39
C PRO A 12 26.98 1.29 -3.59
N VAL A 13 27.99 1.83 -4.27
CA VAL A 13 28.83 2.88 -3.70
C VAL A 13 27.96 4.06 -3.34
N ILE A 14 28.24 4.68 -2.20
CA ILE A 14 27.58 5.89 -1.76
C ILE A 14 28.57 7.03 -1.97
N PRO A 15 28.17 8.11 -2.64
CA PRO A 15 26.82 8.46 -3.06
C PRO A 15 26.34 7.62 -4.24
N PHE A 16 25.08 7.22 -4.16
CA PHE A 16 24.41 6.49 -5.22
C PHE A 16 23.36 7.38 -5.87
N VAL A 17 23.35 7.43 -7.20
CA VAL A 17 22.31 8.10 -7.95
C VAL A 17 21.92 7.18 -9.09
N GLY A 18 20.64 6.82 -9.19
CA GLY A 18 20.20 5.91 -10.23
C GLY A 18 18.84 6.30 -10.79
N THR A 19 18.70 6.05 -12.08
CA THR A 19 17.42 6.28 -12.74
C THR A 19 16.47 5.15 -12.38
N ILE A 20 15.25 5.52 -11.99
CA ILE A 20 14.19 4.57 -11.68
C ILE A 20 13.55 4.20 -13.02
N PRO A 21 13.49 2.92 -13.36
CA PRO A 21 13.12 2.54 -14.73
C PRO A 21 11.64 2.48 -15.01
N ASP A 22 10.80 2.72 -14.01
CA ASP A 22 9.36 2.73 -14.20
C ASP A 22 8.78 3.76 -13.26
N GLN A 23 7.50 4.08 -13.48
CA GLN A 23 6.82 5.09 -12.68
C GLN A 23 6.54 4.55 -11.29
N LEU A 24 6.64 5.44 -10.32
CA LEU A 24 6.22 5.14 -8.94
C LEU A 24 4.70 5.29 -8.85
N ASP A 25 4.02 4.32 -9.46
CA ASP A 25 2.56 4.27 -9.40
C ASP A 25 2.11 3.90 -7.98
N PRO A 26 0.93 4.33 -7.56
CA PRO A 26 0.39 3.83 -6.29
C PRO A 26 0.44 2.32 -6.21
N GLY A 27 0.93 1.81 -5.08
CA GLY A 27 1.18 0.42 -4.87
C GLY A 27 2.65 0.03 -4.94
N THR A 28 3.47 0.88 -5.54
CA THR A 28 4.87 0.55 -5.72
C THR A 28 5.61 0.55 -4.39
N LEU A 29 6.54 -0.40 -4.24
CA LEU A 29 7.39 -0.50 -3.07
C LEU A 29 8.84 -0.25 -3.46
N ILE A 30 9.55 0.46 -2.58
CA ILE A 30 10.99 0.62 -2.65
C ILE A 30 11.56 0.03 -1.36
N VAL A 31 12.46 -0.95 -1.48
CA VAL A 31 13.01 -1.66 -0.33
C VAL A 31 14.51 -1.40 -0.30
N ILE A 32 14.99 -0.85 0.81
CA ILE A 32 16.39 -0.47 0.95
C ILE A 32 16.93 -1.12 2.21
N ARG A 33 17.93 -1.99 2.05
CA ARG A 33 18.55 -2.66 3.17
C ARG A 33 19.96 -2.10 3.37
N GLY A 34 20.37 -1.90 4.61
CA GLY A 34 21.70 -1.35 4.83
C GLY A 34 22.05 -1.32 6.29
N HIS A 35 23.10 -0.56 6.59
CA HIS A 35 23.65 -0.52 7.93
CA HIS A 35 23.65 -0.52 7.93
C HIS A 35 24.26 0.86 8.14
N VAL A 36 24.12 1.40 9.34
CA VAL A 36 24.65 2.70 9.69
C VAL A 36 26.04 2.53 10.30
N PRO A 37 27.07 3.18 9.78
CA PRO A 37 28.39 3.07 10.41
C PRO A 37 28.45 3.74 11.78
N SER A 38 29.46 3.34 12.56
CA SER A 38 29.54 3.76 13.95
C SER A 38 29.72 5.25 14.12
N ASP A 39 30.26 5.94 13.11
CA ASP A 39 30.55 7.37 13.21
C ASP A 39 29.56 8.22 12.42
N ALA A 40 28.43 7.65 11.99
CA ALA A 40 27.52 8.39 11.13
C ALA A 40 26.95 9.61 11.84
N ASP A 41 26.89 10.69 11.07
CA ASP A 41 26.18 11.92 11.43
C ASP A 41 24.76 11.93 10.87
N ARG A 42 24.58 11.53 9.62
CA ARG A 42 23.29 11.54 8.95
C ARG A 42 23.45 10.77 7.65
N PHE A 43 22.32 10.33 7.09
CA PHE A 43 22.27 9.94 5.69
C PHE A 43 20.90 10.33 5.15
N GLN A 44 20.73 10.23 3.84
CA GLN A 44 19.42 10.55 3.29
C GLN A 44 19.13 9.67 2.08
N VAL A 45 17.84 9.41 1.91
CA VAL A 45 17.27 8.78 0.72
C VAL A 45 16.38 9.84 0.07
N ASP A 46 16.70 10.19 -1.17
CA ASP A 46 16.02 11.25 -1.91
C ASP A 46 15.35 10.69 -3.15
N LEU A 47 14.06 10.93 -3.29
CA LEU A 47 13.32 10.60 -4.52
C LEU A 47 13.24 11.91 -5.30
N GLN A 48 13.90 11.95 -6.45
CA GLN A 48 14.23 13.17 -7.16
C GLN A 48 13.57 13.25 -8.53
N ASN A 49 13.37 14.48 -8.99
CA ASN A 49 13.01 14.76 -10.39
C ASN A 49 14.32 15.10 -11.12
N GLY A 50 14.94 14.08 -11.69
CA GLY A 50 16.21 14.20 -12.37
C GLY A 50 17.39 14.09 -11.42
N SER A 51 18.57 14.26 -12.00
CA SER A 51 19.85 14.06 -11.32
C SER A 51 20.74 15.29 -11.42
N SER A 52 20.20 16.42 -11.86
CA SER A 52 21.01 17.62 -11.97
C SER A 52 21.59 18.00 -10.62
N MET A 53 22.87 18.40 -10.64
CA MET A 53 23.53 18.98 -9.49
C MET A 53 23.55 20.49 -9.54
N LYS A 54 23.49 21.06 -10.74
CA LYS A 54 23.53 22.52 -10.92
C LYS A 54 22.57 22.84 -12.06
N PRO A 55 21.36 23.34 -11.77
CA PRO A 55 20.76 23.57 -10.44
C PRO A 55 20.39 22.25 -9.81
N ARG A 56 20.24 22.23 -8.49
CA ARG A 56 19.99 20.96 -7.83
C ARG A 56 18.59 20.44 -8.12
N ALA A 57 18.51 19.17 -8.50
CA ALA A 57 17.24 18.52 -8.82
C ALA A 57 16.25 18.63 -7.66
N ASP A 58 14.98 18.85 -8.01
CA ASP A 58 13.93 18.79 -7.01
C ASP A 58 13.95 17.44 -6.32
N VAL A 59 13.63 17.48 -5.03
CA VAL A 59 13.52 16.28 -4.22
C VAL A 59 12.07 16.20 -3.75
N ALA A 60 11.32 15.28 -4.35
CA ALA A 60 9.94 15.09 -3.94
C ALA A 60 9.84 14.59 -2.50
N PHE A 61 10.73 13.69 -2.13
CA PHE A 61 10.72 13.08 -0.80
C PHE A 61 12.15 12.91 -0.37
N HIS A 62 12.54 13.69 0.64
CA HIS A 62 13.82 13.62 1.33
C HIS A 62 13.56 12.95 2.66
N PHE A 63 14.17 11.77 2.87
CA PHE A 63 14.03 10.96 4.08
C PHE A 63 15.40 10.93 4.74
N ASN A 64 15.57 11.60 5.90
CA ASN A 64 16.89 11.97 6.41
C ASN A 64 17.07 11.63 7.88
N PRO A 65 17.48 10.40 8.18
CA PRO A 65 17.88 10.06 9.56
C PRO A 65 19.09 10.86 9.99
N ARG A 66 19.03 11.39 11.23
CA ARG A 66 20.09 12.16 11.84
C ARG A 66 20.39 11.53 13.19
N PHE A 67 21.67 11.42 13.52
CA PHE A 67 22.08 10.61 14.67
C PHE A 67 22.51 11.37 15.91
N LYS A 68 22.70 12.68 15.82
CA LYS A 68 23.13 13.46 16.99
C LYS A 68 22.05 13.48 18.06
N ARG A 69 22.47 13.72 19.29
CA ARG A 69 21.56 13.77 20.44
C ARG A 69 20.80 12.45 20.50
N ALA A 70 19.48 12.46 20.67
CA ALA A 70 18.72 11.23 20.75
C ALA A 70 18.32 10.68 19.39
N GLY A 71 18.72 11.33 18.30
CA GLY A 71 18.36 10.93 16.96
C GLY A 71 16.97 11.39 16.54
N CYS A 72 16.78 11.50 15.23
CA CYS A 72 15.47 11.79 14.66
C CYS A 72 15.50 11.43 13.18
N ILE A 73 14.37 11.59 12.51
CA ILE A 73 14.30 11.55 11.06
C ILE A 73 13.63 12.83 10.61
N VAL A 74 14.26 13.55 9.68
CA VAL A 74 13.67 14.74 9.08
C VAL A 74 13.21 14.35 7.69
N CYS A 75 11.97 14.69 7.34
CA CYS A 75 11.48 14.57 5.97
C CYS A 75 11.08 15.94 5.44
N ASN A 76 11.33 16.12 4.14
CA ASN A 76 11.05 17.41 3.53
C ASN A 76 11.02 17.24 2.01
N THR A 77 10.78 18.35 1.32
CA THR A 77 10.72 18.45 -0.13
C THR A 77 11.52 19.67 -0.54
N LEU A 78 12.29 19.52 -1.62
CA LEU A 78 13.08 20.60 -2.21
C LEU A 78 12.47 20.91 -3.58
N ILE A 79 12.00 22.14 -3.75
CA ILE A 79 11.42 22.59 -5.00
C ILE A 79 12.15 23.86 -5.41
N ASN A 80 12.74 23.85 -6.60
CA ASN A 80 13.47 25.01 -7.12
C ASN A 80 14.46 25.52 -6.08
N GLU A 81 15.19 24.57 -5.49
CA GLU A 81 16.28 24.88 -4.53
C GLU A 81 15.77 25.55 -3.26
N LYS A 82 14.52 25.32 -2.89
CA LYS A 82 13.96 25.81 -1.63
C LYS A 82 13.35 24.65 -0.85
N TRP A 83 13.78 24.49 0.41
CA TRP A 83 13.23 23.46 1.28
C TRP A 83 11.91 23.94 1.88
N GLY A 84 10.96 23.03 2.05
CA GLY A 84 9.68 23.34 2.66
C GLY A 84 9.67 23.10 4.14
N ARG A 85 8.47 22.81 4.67
CA ARG A 85 8.28 22.57 6.10
C ARG A 85 8.87 21.21 6.47
N GLU A 86 9.76 21.19 7.45
CA GLU A 86 10.28 19.93 7.96
C GLU A 86 9.21 19.16 8.71
N GLU A 87 9.14 17.86 8.47
CA GLU A 87 8.34 16.94 9.25
C GLU A 87 9.32 16.07 10.03
N ILE A 88 9.28 16.17 11.36
CA ILE A 88 10.27 15.52 12.21
C ILE A 88 9.63 14.36 12.96
N THR A 89 10.27 13.20 12.86
CA THR A 89 9.90 11.99 13.59
C THR A 89 10.96 11.75 14.65
N TYR A 90 10.55 11.80 15.92
CA TYR A 90 11.47 11.59 17.04
C TYR A 90 11.61 10.12 17.38
N ASP A 91 10.57 9.34 17.11
CA ASP A 91 10.57 7.89 17.35
CA ASP A 91 10.56 7.90 17.35
C ASP A 91 11.23 7.26 16.14
N THR A 92 12.57 7.13 16.23
CA THR A 92 13.38 6.65 15.13
C THR A 92 13.99 5.29 15.44
N PRO A 93 13.97 4.37 14.48
CA PRO A 93 14.56 3.04 14.68
C PRO A 93 16.02 2.96 14.29
N PHE A 94 16.59 4.02 13.74
CA PHE A 94 17.95 3.98 13.26
C PHE A 94 18.92 4.27 14.39
N LYS A 95 20.06 3.57 14.38
CA LYS A 95 21.13 3.81 15.33
C LYS A 95 22.45 3.53 14.65
N ARG A 96 23.49 4.22 15.11
CA ARG A 96 24.84 3.90 14.69
C ARG A 96 25.16 2.43 14.97
N GLU A 97 25.80 1.83 13.99
CA GLU A 97 26.24 0.45 14.02
C GLU A 97 25.06 -0.51 14.13
N LYS A 98 23.94 -0.17 13.52
CA LYS A 98 22.76 -1.03 13.45
C LYS A 98 22.27 -1.13 12.01
N SER A 99 21.78 -2.31 11.66
CA SER A 99 21.23 -2.58 10.33
C SER A 99 19.76 -2.23 10.26
N PHE A 100 19.29 -2.04 9.03
CA PHE A 100 17.92 -1.66 8.79
C PHE A 100 17.41 -2.22 7.47
N GLU A 101 16.09 -2.32 7.39
CA GLU A 101 15.36 -2.49 6.14
C GLU A 101 14.25 -1.44 6.08
N ILE A 102 14.36 -0.51 5.11
CA ILE A 102 13.36 0.52 4.88
C ILE A 102 12.45 0.03 3.78
N VAL A 103 11.14 0.14 3.99
CA VAL A 103 10.15 -0.10 2.95
C VAL A 103 9.35 1.19 2.75
N ILE A 104 9.46 1.78 1.56
CA ILE A 104 8.66 2.94 1.17
C ILE A 104 7.54 2.44 0.27
N MET A 105 6.31 2.62 0.72
CA MET A 105 5.13 2.27 -0.04
C MET A 105 4.52 3.54 -0.62
N VAL A 106 4.41 3.60 -1.93
CA VAL A 106 3.82 4.75 -2.62
C VAL A 106 2.33 4.55 -2.66
N LEU A 107 1.59 5.47 -2.07
CA LEU A 107 0.13 5.47 -2.11
C LEU A 107 -0.35 6.68 -2.91
N LYS A 108 -1.66 6.73 -3.15
CA LYS A 108 -2.22 7.84 -3.92
C LYS A 108 -1.81 9.21 -3.37
N ASP A 109 -1.94 9.40 -2.06
CA ASP A 109 -1.77 10.72 -1.48
C ASP A 109 -0.53 10.88 -0.62
N LYS A 110 0.22 9.82 -0.39
CA LYS A 110 1.35 9.90 0.53
C LYS A 110 2.29 8.72 0.28
N PHE A 111 3.48 8.83 0.84
CA PHE A 111 4.34 7.70 1.12
C PHE A 111 4.08 7.18 2.52
N GLN A 112 4.14 5.85 2.66
CA GLN A 112 4.05 5.21 3.96
C GLN A 112 5.35 4.43 4.15
N VAL A 113 6.08 4.72 5.22
CA VAL A 113 7.40 4.16 5.44
C VAL A 113 7.41 3.29 6.69
N ALA A 114 7.93 2.09 6.54
CA ALA A 114 8.14 1.15 7.64
C ALA A 114 9.58 0.72 7.64
N VAL A 115 10.15 0.58 8.83
CA VAL A 115 11.53 0.18 9.00
C VAL A 115 11.54 -1.07 9.88
N ASN A 116 12.19 -2.11 9.39
CA ASN A 116 12.30 -3.36 10.15
C ASN A 116 10.93 -3.91 10.53
N GLY A 117 9.94 -3.70 9.65
CA GLY A 117 8.60 -4.22 9.81
C GLY A 117 7.70 -3.43 10.72
N LYS A 118 8.15 -2.28 11.21
CA LYS A 118 7.37 -1.45 12.12
C LYS A 118 7.10 -0.11 11.44
N HIS A 119 5.86 0.35 11.52
CA HIS A 119 5.52 1.63 10.95
C HIS A 119 6.46 2.71 11.50
N THR A 120 6.90 3.61 10.61
CA THR A 120 7.78 4.70 11.02
C THR A 120 7.14 6.05 10.80
N LEU A 121 6.66 6.35 9.59
CA LEU A 121 6.11 7.68 9.33
C LEU A 121 5.30 7.65 8.04
N LEU A 122 4.48 8.68 7.87
CA LEU A 122 3.80 8.97 6.62
C LEU A 122 4.32 10.31 6.10
N TYR A 123 4.27 10.52 4.78
CA TYR A 123 4.67 11.80 4.19
C TYR A 123 3.77 12.10 3.00
N GLY A 124 2.92 13.12 3.13
CA GLY A 124 2.02 13.46 2.04
C GLY A 124 2.78 13.99 0.83
N HIS A 125 2.29 13.63 -0.36
CA HIS A 125 2.93 14.12 -1.57
C HIS A 125 2.82 15.63 -1.65
N ARG A 126 3.94 16.27 -1.96
CA ARG A 126 4.02 17.69 -2.26
C ARG A 126 4.32 17.95 -3.73
N ILE A 127 5.07 17.04 -4.37
CA ILE A 127 5.27 16.97 -5.81
C ILE A 127 4.55 15.70 -6.25
N GLY A 128 3.86 15.73 -7.39
CA GLY A 128 3.23 14.52 -7.86
C GLY A 128 4.24 13.40 -8.02
N PRO A 129 3.94 12.19 -7.54
CA PRO A 129 4.95 11.12 -7.61
C PRO A 129 5.28 10.72 -9.04
N GLU A 130 4.44 11.07 -10.02
CA GLU A 130 4.75 10.79 -11.42
C GLU A 130 5.96 11.57 -11.92
N LYS A 131 6.39 12.60 -11.19
CA LYS A 131 7.56 13.39 -11.57
C LYS A 131 8.85 12.80 -11.07
N ILE A 132 8.80 11.77 -10.24
CA ILE A 132 10.01 11.17 -9.69
C ILE A 132 10.58 10.21 -10.71
N ASP A 133 11.85 10.36 -11.01
CA ASP A 133 12.52 9.43 -11.92
C ASP A 133 13.89 9.01 -11.46
N THR A 134 14.34 9.43 -10.26
CA THR A 134 15.71 9.23 -9.82
C THR A 134 15.71 8.96 -8.32
N LEU A 135 16.55 8.02 -7.89
CA LEU A 135 16.76 7.74 -6.48
CA LEU A 135 16.75 7.75 -6.47
C LEU A 135 18.21 8.09 -6.14
N GLY A 136 18.39 8.89 -5.09
CA GLY A 136 19.71 9.20 -4.58
C GLY A 136 19.82 8.74 -3.13
N ILE A 137 20.99 8.23 -2.78
CA ILE A 137 21.32 7.93 -1.39
C ILE A 137 22.68 8.55 -1.09
N TYR A 138 22.73 9.37 -0.05
CA TYR A 138 23.91 10.17 0.26
C TYR A 138 24.19 10.10 1.75
N GLY A 139 25.44 10.35 2.12
CA GLY A 139 25.83 10.49 3.51
C GLY A 139 26.51 9.25 4.05
N LYS A 140 26.51 9.13 5.36
CA LYS A 140 27.27 8.08 6.04
C LYS A 140 26.34 6.89 6.29
N VAL A 141 26.31 5.99 5.31
CA VAL A 141 25.47 4.81 5.33
C VAL A 141 26.09 3.77 4.40
N ASN A 142 25.90 2.49 4.74
CA ASN A 142 26.26 1.37 3.88
CA ASN A 142 26.26 1.37 3.89
C ASN A 142 24.96 0.75 3.38
N ILE A 143 24.82 0.66 2.07
CA ILE A 143 23.61 0.11 1.46
C ILE A 143 23.93 -1.29 0.93
N HIS A 144 23.18 -2.28 1.43
CA HIS A 144 23.30 -3.66 0.96
C HIS A 144 22.51 -3.89 -0.33
N SER A 145 21.31 -3.31 -0.44
CA SER A 145 20.50 -3.51 -1.63
C SER A 145 19.42 -2.44 -1.72
N ILE A 146 19.00 -2.17 -2.95
CA ILE A 146 17.85 -1.35 -3.29
C ILE A 146 17.02 -2.16 -4.28
N GLY A 147 15.74 -2.36 -3.98
CA GLY A 147 14.86 -3.08 -4.89
C GLY A 147 13.55 -2.36 -5.04
N PHE A 148 12.98 -2.45 -6.24
CA PHE A 148 11.68 -1.89 -6.54
C PHE A 148 10.72 -3.00 -6.90
N SER A 149 9.51 -2.89 -6.37
CA SER A 149 8.38 -3.71 -6.82
C SER A 149 7.35 -2.76 -7.40
N PHE A 150 7.30 -2.69 -8.73
CA PHE A 150 6.43 -1.72 -9.39
C PHE A 150 5.03 -2.27 -9.48
N SER A 151 4.05 -1.43 -9.16
CA SER A 151 2.68 -1.94 -9.24
C SER A 151 2.22 -2.16 -10.67
N SER A 152 2.99 -1.71 -11.66
CA SER A 152 2.65 -1.99 -13.06
C SER A 152 3.17 -3.35 -13.52
N ASP A 153 4.01 -4.02 -12.75
CA ASP A 153 4.59 -5.28 -13.20
C ASP A 153 3.74 -6.50 -12.81
N ASN B 4 -18.84 -12.46 18.39
CA ASN B 4 -18.26 -11.15 18.78
C ASN B 4 -18.14 -10.19 17.61
N LEU B 5 -18.53 -10.59 16.40
CA LEU B 5 -18.47 -9.64 15.31
C LEU B 5 -19.39 -8.46 15.57
N GLN B 6 -19.05 -7.36 14.93
CA GLN B 6 -19.69 -6.07 15.13
C GLN B 6 -20.49 -5.70 13.89
N ASN B 7 -21.59 -5.00 14.12
CA ASN B 7 -22.46 -4.52 13.07
C ASN B 7 -22.85 -5.65 12.12
N ILE B 8 -23.32 -6.76 12.69
CA ILE B 8 -23.70 -7.91 11.90
C ILE B 8 -25.09 -7.67 11.31
N ILE B 9 -25.19 -7.69 9.99
CA ILE B 9 -26.46 -7.58 9.28
C ILE B 9 -26.62 -8.81 8.37
N TYR B 10 -27.86 -9.04 7.97
CA TYR B 10 -28.23 -10.23 7.20
C TYR B 10 -29.01 -9.87 5.95
N ASN B 11 -28.79 -10.65 4.90
CA ASN B 11 -29.57 -10.56 3.68
C ASN B 11 -29.76 -9.12 3.17
N PRO B 12 -28.68 -8.34 3.06
CA PRO B 12 -28.84 -7.03 2.44
C PRO B 12 -29.27 -7.17 0.99
N VAL B 13 -30.07 -6.20 0.54
CA VAL B 13 -30.42 -6.12 -0.87
C VAL B 13 -29.16 -5.81 -1.66
N ILE B 14 -29.02 -6.47 -2.79
CA ILE B 14 -27.91 -6.26 -3.72
C ILE B 14 -28.44 -5.49 -4.91
N PRO B 15 -27.79 -4.39 -5.34
CA PRO B 15 -26.51 -3.85 -4.85
C PRO B 15 -26.64 -3.27 -3.46
N PHE B 16 -25.57 -3.48 -2.70
CA PHE B 16 -25.45 -2.99 -1.34
C PHE B 16 -24.36 -1.94 -1.29
N VAL B 17 -24.66 -0.79 -0.70
CA VAL B 17 -23.67 0.26 -0.45
C VAL B 17 -23.88 0.72 0.99
N GLY B 18 -22.91 0.47 1.84
CA GLY B 18 -23.05 0.79 3.25
C GLY B 18 -21.85 1.53 3.80
N THR B 19 -22.11 2.44 4.71
CA THR B 19 -21.05 3.12 5.42
C THR B 19 -20.44 2.17 6.44
N ILE B 20 -19.12 2.07 6.41
CA ILE B 20 -18.42 1.19 7.34
C ILE B 20 -18.37 1.88 8.70
N PRO B 21 -18.71 1.16 9.75
CA PRO B 21 -19.02 1.81 11.03
C PRO B 21 -17.81 2.26 11.85
N ASP B 22 -16.60 1.93 11.48
CA ASP B 22 -15.40 2.34 12.21
C ASP B 22 -14.27 2.23 11.20
N GLN B 23 -13.09 2.65 11.62
CA GLN B 23 -11.94 2.69 10.72
CA GLN B 23 -11.95 2.70 10.72
C GLN B 23 -11.41 1.30 10.44
N LEU B 24 -10.89 1.12 9.22
CA LEU B 24 -10.21 -0.12 8.86
C LEU B 24 -8.74 -0.02 9.28
N ASP B 25 -8.53 -0.04 10.59
CA ASP B 25 -7.17 -0.07 11.14
C ASP B 25 -6.53 -1.45 10.91
N PRO B 26 -5.20 -1.54 10.92
CA PRO B 26 -4.56 -2.86 10.81
C PRO B 26 -5.11 -3.82 11.86
N GLY B 27 -5.37 -5.05 11.43
CA GLY B 27 -6.00 -6.05 12.25
C GLY B 27 -7.50 -6.17 12.05
N THR B 28 -8.12 -5.19 11.41
CA THR B 28 -9.56 -5.23 11.20
C THR B 28 -9.93 -6.34 10.23
N LEU B 29 -11.03 -7.02 10.54
CA LEU B 29 -11.61 -8.02 9.66
C LEU B 29 -12.95 -7.55 9.11
N ILE B 30 -13.19 -7.86 7.85
CA ILE B 30 -14.51 -7.79 7.22
C ILE B 30 -14.88 -9.22 6.86
N VAL B 31 -16.02 -9.68 7.37
CA VAL B 31 -16.46 -11.06 7.22
C VAL B 31 -17.76 -11.08 6.44
N ILE B 32 -17.76 -11.73 5.28
CA ILE B 32 -18.89 -11.71 4.37
C ILE B 32 -19.24 -13.16 4.03
N ARG B 33 -20.45 -13.59 4.37
CA ARG B 33 -20.93 -14.92 4.06
C ARG B 33 -21.97 -14.81 2.96
N GLY B 34 -21.97 -15.76 2.02
CA GLY B 34 -22.94 -15.70 0.94
C GLY B 34 -22.85 -16.92 0.06
N HIS B 35 -23.46 -16.80 -1.12
CA HIS B 35 -23.40 -17.85 -2.12
C HIS B 35 -23.47 -17.26 -3.51
N VAL B 36 -22.98 -18.03 -4.48
CA VAL B 36 -22.93 -17.60 -5.87
C VAL B 36 -24.15 -18.17 -6.59
N PRO B 37 -25.02 -17.34 -7.18
CA PRO B 37 -26.15 -17.84 -7.95
C PRO B 37 -25.73 -18.70 -9.14
N SER B 38 -26.65 -19.58 -9.54
CA SER B 38 -26.33 -20.53 -10.59
C SER B 38 -26.03 -19.87 -11.94
N ASP B 39 -26.58 -18.67 -12.20
CA ASP B 39 -26.35 -17.98 -13.45
C ASP B 39 -25.37 -16.82 -13.28
N ALA B 40 -24.59 -16.80 -12.22
CA ALA B 40 -23.71 -15.66 -11.99
C ALA B 40 -22.57 -15.65 -13.00
N ASP B 41 -22.25 -14.45 -13.48
CA ASP B 41 -21.06 -14.20 -14.29
C ASP B 41 -19.93 -13.62 -13.44
N ARG B 42 -20.25 -12.76 -12.48
CA ARG B 42 -19.26 -12.10 -11.63
C ARG B 42 -20.01 -11.40 -10.50
N PHE B 43 -19.29 -11.12 -9.43
CA PHE B 43 -19.71 -10.14 -8.43
C PHE B 43 -18.46 -9.45 -7.91
N GLN B 44 -18.64 -8.39 -7.12
CA GLN B 44 -17.48 -7.71 -6.58
C GLN B 44 -17.79 -7.19 -5.18
N VAL B 45 -16.74 -7.17 -4.38
CA VAL B 45 -16.69 -6.51 -3.08
C VAL B 45 -15.73 -5.34 -3.24
N ASP B 46 -16.22 -4.12 -3.06
CA ASP B 46 -15.44 -2.91 -3.25
C ASP B 46 -15.31 -2.15 -1.93
N LEU B 47 -14.08 -1.87 -1.53
CA LEU B 47 -13.78 -1.03 -0.37
C LEU B 47 -13.48 0.36 -0.91
N GLN B 48 -14.42 1.28 -0.67
CA GLN B 48 -14.47 2.55 -1.38
C GLN B 48 -14.17 3.73 -0.46
N ASN B 49 -13.65 4.79 -1.06
CA ASN B 49 -13.52 6.10 -0.42
C ASN B 49 -14.70 6.92 -0.91
N GLY B 50 -15.79 6.86 -0.17
CA GLY B 50 -17.02 7.51 -0.55
C GLY B 50 -17.97 6.59 -1.33
N SER B 51 -19.16 7.12 -1.58
CA SER B 51 -20.23 6.38 -2.25
C SER B 51 -20.72 7.04 -3.52
N SER B 52 -20.12 8.13 -3.95
CA SER B 52 -20.62 8.81 -5.12
C SER B 52 -20.49 7.92 -6.34
N MET B 53 -21.46 8.06 -7.24
CA MET B 53 -21.38 7.42 -8.54
C MET B 53 -20.87 8.36 -9.62
N LYS B 54 -20.75 9.66 -9.31
CA LYS B 54 -20.32 10.63 -10.30
C LYS B 54 -19.80 11.89 -9.62
N PRO B 55 -18.51 12.19 -9.72
CA PRO B 55 -17.43 11.31 -10.18
C PRO B 55 -17.41 10.02 -9.34
N ARG B 56 -17.15 8.89 -9.96
CA ARG B 56 -17.21 7.62 -9.23
C ARG B 56 -16.16 7.59 -8.13
N ALA B 57 -16.59 7.19 -6.94
CA ALA B 57 -15.71 7.08 -5.79
C ALA B 57 -14.53 6.17 -6.07
N ASP B 58 -13.37 6.58 -5.57
CA ASP B 58 -12.21 5.71 -5.61
C ASP B 58 -12.53 4.37 -4.94
N VAL B 59 -11.96 3.31 -5.49
CA VAL B 59 -12.08 1.96 -4.95
C VAL B 59 -10.68 1.54 -4.53
N ALA B 60 -10.43 1.55 -3.23
CA ALA B 60 -9.12 1.14 -2.72
C ALA B 60 -8.87 -0.33 -3.02
N PHE B 61 -9.89 -1.18 -2.86
CA PHE B 61 -9.74 -2.61 -3.08
C PHE B 61 -11.01 -3.09 -3.75
N HIS B 62 -10.86 -3.53 -4.99
CA HIS B 62 -11.89 -4.16 -5.79
C HIS B 62 -11.54 -5.64 -5.82
N PHE B 63 -12.39 -6.49 -5.26
CA PHE B 63 -12.21 -7.94 -5.15
C PHE B 63 -13.32 -8.56 -5.98
N ASN B 64 -12.96 -9.14 -7.13
CA ASN B 64 -13.92 -9.43 -8.21
C ASN B 64 -13.82 -10.85 -8.72
N PRO B 65 -14.51 -11.79 -8.05
CA PRO B 65 -14.63 -13.15 -8.60
C PRO B 65 -15.41 -13.14 -9.92
N ARG B 66 -14.88 -13.89 -10.90
CA ARG B 66 -15.47 -14.05 -12.23
C ARG B 66 -15.59 -15.55 -12.49
N PHE B 67 -16.69 -15.98 -13.08
CA PHE B 67 -17.01 -17.41 -13.13
CA PHE B 67 -17.01 -17.40 -13.12
C PHE B 67 -16.92 -18.03 -14.50
N LYS B 68 -16.71 -17.26 -15.55
CA LYS B 68 -16.64 -17.84 -16.88
C LYS B 68 -15.42 -18.74 -17.04
N ARG B 69 -15.56 -19.78 -17.83
CA ARG B 69 -14.46 -20.72 -18.12
C ARG B 69 -13.99 -21.33 -16.80
N ALA B 70 -12.69 -21.39 -16.52
CA ALA B 70 -12.22 -21.97 -15.27
C ALA B 70 -12.36 -21.01 -14.09
N GLY B 71 -12.81 -19.78 -14.31
CA GLY B 71 -12.96 -18.82 -13.25
C GLY B 71 -11.66 -18.16 -12.83
N CYS B 72 -11.79 -17.04 -12.13
CA CYS B 72 -10.63 -16.35 -11.58
C CYS B 72 -11.13 -15.34 -10.56
N ILE B 73 -10.20 -14.64 -9.91
CA ILE B 73 -10.53 -13.45 -9.13
C ILE B 73 -9.65 -12.33 -9.66
N VAL B 74 -10.25 -11.22 -10.03
CA VAL B 74 -9.50 -10.03 -10.42
C VAL B 74 -9.53 -9.06 -9.24
N CYS B 75 -8.36 -8.54 -8.87
CA CYS B 75 -8.27 -7.44 -7.90
C CYS B 75 -7.65 -6.21 -8.55
N ASN B 76 -8.14 -5.04 -8.16
CA ASN B 76 -7.64 -3.80 -8.72
C ASN B 76 -8.04 -2.65 -7.80
N THR B 77 -7.64 -1.45 -8.22
CA THR B 77 -7.93 -0.18 -7.55
C THR B 77 -8.38 0.81 -8.60
N LEU B 78 -9.39 1.61 -8.25
CA LEU B 78 -9.89 2.69 -9.09
C LEU B 78 -9.48 4.00 -8.43
N ILE B 79 -8.69 4.79 -9.15
CA ILE B 79 -8.21 6.10 -8.69
C ILE B 79 -8.62 7.12 -9.73
N ASN B 80 -9.36 8.13 -9.29
CA ASN B 80 -9.78 9.20 -10.20
C ASN B 80 -10.42 8.62 -11.46
N GLU B 81 -11.26 7.62 -11.26
CA GLU B 81 -12.05 6.99 -12.31
C GLU B 81 -11.24 6.17 -13.30
N LYS B 82 -10.01 5.79 -12.96
CA LYS B 82 -9.16 4.96 -13.81
C LYS B 82 -8.70 3.71 -13.06
N TRP B 83 -8.81 2.55 -13.70
CA TRP B 83 -8.34 1.31 -13.10
C TRP B 83 -6.83 1.20 -13.26
N GLY B 84 -6.17 0.63 -12.25
CA GLY B 84 -4.76 0.34 -12.31
C GLY B 84 -4.50 -1.02 -12.92
N ARG B 85 -3.35 -1.58 -12.56
CA ARG B 85 -2.96 -2.90 -13.05
C ARG B 85 -3.84 -3.97 -12.41
N GLU B 86 -4.38 -4.87 -13.24
CA GLU B 86 -5.12 -6.01 -12.71
C GLU B 86 -4.16 -7.00 -12.06
N GLU B 87 -4.56 -7.50 -10.90
CA GLU B 87 -3.88 -8.62 -10.26
C GLU B 87 -4.84 -9.80 -10.33
N ILE B 88 -4.50 -10.80 -11.14
CA ILE B 88 -5.42 -11.89 -11.45
C ILE B 88 -4.98 -13.13 -10.70
N THR B 89 -5.86 -13.67 -9.87
CA THR B 89 -5.66 -14.91 -9.14
C THR B 89 -6.45 -16.01 -9.84
N TYR B 90 -5.75 -16.99 -10.39
CA TYR B 90 -6.38 -18.07 -11.11
C TYR B 90 -6.74 -19.25 -10.20
N ASP B 91 -6.15 -19.33 -9.01
CA ASP B 91 -6.51 -20.36 -8.03
C ASP B 91 -7.65 -19.78 -7.21
N THR B 92 -8.87 -20.09 -7.63
CA THR B 92 -10.05 -19.50 -7.03
C THR B 92 -10.87 -20.53 -6.30
N PRO B 93 -11.31 -20.20 -5.08
CA PRO B 93 -12.17 -21.10 -4.32
C PRO B 93 -13.64 -20.99 -4.66
N PHE B 94 -14.07 -20.00 -5.46
CA PHE B 94 -15.50 -19.78 -5.67
C PHE B 94 -16.05 -20.67 -6.76
N LYS B 95 -17.33 -21.01 -6.64
CA LYS B 95 -18.02 -21.87 -7.60
C LYS B 95 -19.50 -21.49 -7.64
N ARG B 96 -20.08 -21.46 -8.84
CA ARG B 96 -21.54 -21.31 -8.94
C ARG B 96 -22.18 -22.37 -8.08
N GLU B 97 -23.16 -21.97 -7.27
CA GLU B 97 -23.92 -22.84 -6.36
C GLU B 97 -23.21 -23.18 -5.04
N LYS B 98 -21.99 -22.66 -4.78
CA LYS B 98 -21.28 -22.97 -3.56
C LYS B 98 -21.34 -21.77 -2.62
N SER B 99 -21.57 -22.03 -1.33
CA SER B 99 -21.56 -20.97 -0.34
C SER B 99 -20.12 -20.68 0.07
N PHE B 100 -19.91 -19.46 0.55
CA PHE B 100 -18.58 -19.01 0.91
C PHE B 100 -18.61 -18.17 2.18
N GLU B 101 -17.44 -18.08 2.82
CA GLU B 101 -17.16 -17.09 3.84
C GLU B 101 -15.86 -16.40 3.48
N ILE B 102 -15.95 -15.11 3.13
CA ILE B 102 -14.80 -14.28 2.81
C ILE B 102 -14.39 -13.57 4.08
N VAL B 103 -13.12 -13.65 4.42
CA VAL B 103 -12.55 -12.85 5.49
C VAL B 103 -11.47 -11.97 4.88
N ILE B 104 -11.68 -10.66 4.90
CA ILE B 104 -10.68 -9.70 4.48
C ILE B 104 -10.02 -9.17 5.75
N MET B 105 -8.73 -9.40 5.87
CA MET B 105 -7.92 -8.87 6.97
CA MET B 105 -7.93 -8.86 6.98
C MET B 105 -7.13 -7.67 6.47
N VAL B 106 -7.27 -6.54 7.15
CA VAL B 106 -6.52 -5.35 6.81
C VAL B 106 -5.17 -5.41 7.53
N LEU B 107 -4.08 -5.39 6.78
CA LEU B 107 -2.76 -5.29 7.37
C LEU B 107 -2.21 -3.91 7.09
N LYS B 108 -1.05 -3.61 7.68
CA LYS B 108 -0.53 -2.27 7.49
C LYS B 108 -0.16 -2.01 6.04
N ASP B 109 0.24 -3.04 5.29
CA ASP B 109 0.75 -2.86 3.95
C ASP B 109 -0.06 -3.56 2.87
N LYS B 110 -1.10 -4.31 3.23
CA LYS B 110 -1.82 -5.11 2.26
C LYS B 110 -3.12 -5.58 2.89
N PHE B 111 -4.00 -6.11 2.05
CA PHE B 111 -5.11 -6.94 2.47
C PHE B 111 -4.71 -8.41 2.31
N GLN B 112 -5.10 -9.22 3.28
N GLN B 112 -5.21 -9.22 3.22
CA GLN B 112 -5.04 -10.66 3.14
CA GLN B 112 -5.04 -10.67 3.19
C GLN B 112 -6.48 -11.17 3.10
C GLN B 112 -6.43 -11.29 3.19
N VAL B 113 -6.78 -12.03 2.15
CA VAL B 113 -8.13 -12.55 1.98
C VAL B 113 -8.09 -14.06 2.10
N ALA B 114 -8.97 -14.60 2.92
CA ALA B 114 -9.18 -16.02 3.08
C ALA B 114 -10.63 -16.32 2.74
N VAL B 115 -10.85 -17.49 2.16
CA VAL B 115 -12.19 -17.97 1.84
C VAL B 115 -12.34 -19.34 2.45
N ASN B 116 -13.40 -19.51 3.24
CA ASN B 116 -13.68 -20.79 3.91
CA ASN B 116 -13.68 -20.78 3.90
C ASN B 116 -12.49 -21.28 4.71
N GLY B 117 -11.82 -20.34 5.37
CA GLY B 117 -10.75 -20.65 6.27
C GLY B 117 -9.41 -20.87 5.64
N LYS B 118 -9.30 -20.69 4.32
CA LYS B 118 -8.07 -20.97 3.59
CA LYS B 118 -8.06 -20.96 3.61
C LYS B 118 -7.57 -19.71 2.90
N HIS B 119 -6.28 -19.45 3.01
CA HIS B 119 -5.71 -18.29 2.36
C HIS B 119 -6.01 -18.30 0.88
N THR B 120 -6.41 -17.15 0.34
CA THR B 120 -6.73 -16.99 -1.06
C THR B 120 -5.77 -16.05 -1.80
N LEU B 121 -5.58 -14.84 -1.29
CA LEU B 121 -4.71 -13.89 -1.98
C LEU B 121 -4.29 -12.77 -1.05
N LEU B 122 -3.25 -12.05 -1.49
CA LEU B 122 -2.76 -10.82 -0.90
C LEU B 122 -2.92 -9.70 -1.93
N TYR B 123 -3.14 -8.48 -1.45
CA TYR B 123 -3.24 -7.32 -2.33
C TYR B 123 -2.62 -6.12 -1.63
N GLY B 124 -1.50 -5.63 -2.17
CA GLY B 124 -0.84 -4.49 -1.54
C GLY B 124 -1.65 -3.21 -1.64
N HIS B 125 -1.57 -2.38 -0.60
CA HIS B 125 -2.31 -1.13 -0.63
C HIS B 125 -1.81 -0.21 -1.73
N ARG B 126 -2.75 0.48 -2.34
CA ARG B 126 -2.51 1.55 -3.30
C ARG B 126 -3.09 2.88 -2.85
N ILE B 127 -4.18 2.83 -2.10
CA ILE B 127 -4.77 3.95 -1.38
C ILE B 127 -4.66 3.60 0.10
N GLY B 128 -4.35 4.58 0.95
CA GLY B 128 -4.28 4.28 2.37
C GLY B 128 -5.60 3.76 2.89
N PRO B 129 -5.59 2.69 3.69
CA PRO B 129 -6.86 2.09 4.11
C PRO B 129 -7.66 2.96 5.05
N GLU B 130 -7.04 3.98 5.65
CA GLU B 130 -7.79 4.89 6.49
C GLU B 130 -8.77 5.74 5.69
N LYS B 131 -8.61 5.79 4.37
CA LYS B 131 -9.52 6.52 3.49
C LYS B 131 -10.78 5.75 3.16
N ILE B 132 -10.84 4.47 3.52
CA ILE B 132 -11.98 3.64 3.16
C ILE B 132 -13.10 3.89 4.15
N ASP B 133 -14.27 4.25 3.66
CA ASP B 133 -15.40 4.45 4.52
C ASP B 133 -16.68 3.77 4.03
N THR B 134 -16.64 3.04 2.92
CA THR B 134 -17.85 2.50 2.29
C THR B 134 -17.56 1.10 1.77
N LEU B 135 -18.50 0.20 2.00
CA LEU B 135 -18.48 -1.16 1.49
C LEU B 135 -19.55 -1.28 0.42
N GLY B 136 -19.14 -1.61 -0.79
CA GLY B 136 -20.05 -1.86 -1.88
C GLY B 136 -20.00 -3.33 -2.27
N ILE B 137 -21.17 -3.94 -2.50
CA ILE B 137 -21.24 -5.31 -3.00
C ILE B 137 -22.21 -5.31 -4.16
N TYR B 138 -21.71 -5.69 -5.33
CA TYR B 138 -22.45 -5.52 -6.57
C TYR B 138 -22.35 -6.80 -7.40
N GLY B 139 -23.30 -6.98 -8.31
CA GLY B 139 -23.27 -8.09 -9.22
C GLY B 139 -24.15 -9.24 -8.78
N LYS B 140 -23.86 -10.40 -9.33
CA LYS B 140 -24.73 -11.54 -9.15
C LYS B 140 -24.23 -12.36 -7.97
N VAL B 141 -24.83 -12.11 -6.80
CA VAL B 141 -24.41 -12.73 -5.55
C VAL B 141 -25.56 -12.63 -4.59
N ASN B 142 -25.62 -13.54 -3.63
CA ASN B 142 -26.49 -13.42 -2.47
C ASN B 142 -25.57 -13.33 -1.27
N ILE B 143 -25.79 -12.32 -0.45
CA ILE B 143 -25.01 -12.09 0.76
C ILE B 143 -25.88 -12.46 1.95
N HIS B 144 -25.48 -13.52 2.64
CA HIS B 144 -26.20 -13.96 3.82
C HIS B 144 -25.95 -13.03 5.00
N SER B 145 -24.71 -12.60 5.21
CA SER B 145 -24.38 -11.74 6.33
C SER B 145 -23.08 -10.99 6.09
N ILE B 146 -22.97 -9.84 6.76
CA ILE B 146 -21.76 -9.01 6.80
C ILE B 146 -21.51 -8.66 8.26
N GLY B 147 -20.26 -8.77 8.71
CA GLY B 147 -19.90 -8.29 10.02
C GLY B 147 -18.44 -7.87 10.03
N PHE B 148 -18.05 -7.20 11.12
CA PHE B 148 -16.72 -6.63 11.22
C PHE B 148 -16.07 -7.02 12.54
N SER B 149 -14.74 -7.01 12.55
CA SER B 149 -13.99 -7.08 13.81
C SER B 149 -12.98 -5.93 13.77
N PHE B 150 -13.30 -4.86 14.48
CA PHE B 150 -12.46 -3.68 14.40
C PHE B 150 -11.29 -3.81 15.36
N SER B 151 -10.15 -3.24 14.97
CA SER B 151 -8.94 -3.25 15.78
CA SER B 151 -8.95 -3.25 15.77
C SER B 151 -8.76 -1.87 16.38
N SER B 152 -9.72 -1.49 17.21
CA SER B 152 -9.78 -0.20 17.86
C SER B 152 -10.74 -0.32 19.04
C2 A1IHE C . 15.81 19.22 5.37
C3 A1IHE C . 17.12 19.86 5.04
O1 A1IHE C . 14.84 20.13 5.80
C5 A1IHE C . 18.87 21.13 6.06
C7 A1IHE C . 17.35 23.37 6.25
O4 A1IHE C . 17.67 20.38 6.26
C11 A1IHE C . 15.36 24.34 7.90
C13 A1IHE C . 16.67 24.41 8.31
C14 A1IHE C . 17.67 23.92 7.49
C15 A1IHE C . 19.95 20.30 5.37
C17 A1IHE C . 21.83 21.55 6.08
C18 A1IHE C . 22.55 20.47 6.74
C19 A1IHE C . 23.09 19.59 7.31
C20 A1IHE C . 19.42 19.66 4.11
C22 A1IHE C . 21.10 19.17 2.46
C23 A1IHE C . 21.99 18.10 1.94
C25 A1IHE C . 22.92 16.66 0.66
C26 A1IHE C . 23.28 15.81 -0.38
C27 A1IHE C . 24.43 15.05 -0.26
C28 A1IHE C . 25.23 15.12 0.90
C29 A1IHE C . 26.46 14.26 1.01
C32 A1IHE C . 24.86 15.97 1.94
C33 A1IHE C . 23.72 16.73 1.79
C35 A1IHE C . 23.57 18.10 3.94
C36 A1IHE C . 18.12 18.90 4.41
C8 A1IHE C . 16.02 23.32 5.85
C9 A1IHE C . 15.04 23.80 6.67
N24 A1IHE C . 21.84 17.53 0.76
N34 A1IHE C . 23.10 17.67 2.61
O16 A1IHE C . 21.06 21.09 4.97
O21 A1IHE C . 20.37 18.72 3.60
O30 A1IHE C . 26.85 13.67 -0.03
O31 A1IHE C . 27.01 14.18 2.13
O37 A1IHE C . 18.43 17.80 5.27
S6 A1IHE C . 18.61 22.72 5.19
CL10 A1IHE C . 13.40 23.76 6.11
CL12 A1IHE C . 14.11 24.90 8.96
H2A A1IHE C . 15.44 18.76 4.58
H2B A1IHE C . 15.93 18.55 6.08
H3 A1IHE C . 16.93 20.59 4.42
H1 A1IHE C . 14.90 20.83 5.33
H5 A1IHE C . 19.19 21.39 6.95
H13 A1IHE C . 16.91 24.79 9.18
H14 A1IHE C . 18.60 23.97 7.78
H15 A1IHE C . 20.20 19.63 6.03
H17A A1IHE C . 21.23 21.99 6.72
H17B A1IHE C . 22.46 22.23 5.77
H19 A1IHE C . 23.54 18.87 7.78
H20 A1IHE C . 19.26 20.33 3.42
H22A A1IHE C . 21.66 19.95 2.69
H22B A1IHE C . 20.49 19.45 1.74
H26 A1IHE C . 22.73 15.74 -1.19
H27 A1IHE C . 24.70 14.44 -0.98
H32 A1IHE C . 25.43 16.03 2.74
H35B A1IHE C . 24.29 17.51 4.24
H35A A1IHE C . 22.85 18.07 4.58
H35C A1IHE C . 23.92 19.02 3.89
H36 A1IHE C . 17.72 18.51 3.60
H8 A1IHE C . 15.79 22.93 4.98
H37 A1IHE C . 17.70 17.52 5.57
CL CL D . -3.51 7.55 0.14
C2 A1IHE E . -10.95 -4.55 -12.90
C3 A1IHE E . -12.04 -3.98 -13.77
O1 A1IHE E . -9.67 -4.43 -13.49
C5 A1IHE E . -12.96 -4.22 -15.96
C7 A1IHE E . -10.78 -3.09 -17.18
O4 A1IHE E . -12.06 -4.75 -14.99
C11 A1IHE E . -8.20 -3.79 -17.94
C13 A1IHE E . -9.28 -4.21 -18.70
C14 A1IHE E . -10.57 -3.85 -18.32
C15 A1IHE E . -14.39 -4.13 -15.42
C17 A1IHE E . -15.64 -4.02 -17.50
C18 A1IHE E . -16.49 -5.19 -17.26
C19 A1IHE E . -17.20 -6.09 -17.03
C20 A1IHE E . -14.41 -3.41 -14.08
C22 A1IHE E . -16.43 -2.28 -13.49
C23 A1IHE E . -17.72 -2.47 -12.78
C25 A1IHE E . -19.34 -2.24 -11.39
C26 A1IHE E . -20.20 -1.86 -10.36
C27 A1IHE E . -21.45 -2.43 -10.30
C28 A1IHE E . -21.88 -3.38 -11.24
C29 A1IHE E . -23.25 -4.00 -11.15
C32 A1IHE E . -21.01 -3.76 -12.27
C33 A1IHE E . -19.76 -3.18 -12.33
C35 A1IHE E . -18.70 -4.16 -14.41
C36 A1IHE E . -13.41 -4.02 -13.11
C8 A1IHE E . -9.69 -2.67 -16.42
C9 A1IHE E . -8.41 -3.02 -16.80
N24 A1IHE E . -18.04 -1.81 -11.69
N34 A1IHE E . -18.70 -3.31 -13.22
O16 A1IHE E . -15.23 -3.38 -16.28
O21 A1IHE E . -15.70 -3.51 -13.48
O30 A1IHE E . -24.07 -3.47 -10.34
O31 A1IHE E . -23.49 -5.01 -11.85
O37 A1IHE E . -13.81 -5.35 -12.81
S6 A1IHE E . -12.42 -2.63 -16.67
CL10 A1IHE E . -7.09 -2.45 -15.86
CL12 A1IHE E . -6.59 -4.21 -18.42
H2A A1IHE E . -10.93 -4.09 -12.04
H2B A1IHE E . -11.11 -5.51 -12.74
H3 A1IHE E . -11.79 -3.06 -13.97
H1 A1IHE E . -9.76 -3.99 -14.21
H5 A1IHE E . -12.97 -4.84 -16.73
H13 A1IHE E . -9.15 -4.75 -19.50
H14 A1IHE E . -11.33 -4.16 -18.87
H15 A1IHE E . -14.68 -5.06 -15.31
H17A A1IHE E . -16.11 -3.37 -18.06
H17B A1IHE E . -14.83 -4.30 -17.99
H19 A1IHE E . -17.81 -6.84 -16.85
H20 A1IHE E . -14.23 -2.46 -14.21
H22A A1IHE E . -16.61 -1.98 -14.40
H22B A1IHE E . -15.91 -1.57 -13.03
H26 A1IHE E . -19.92 -1.21 -9.70
H27 A1IHE E . -22.08 -2.17 -9.58
H32 A1IHE E . -21.31 -4.41 -12.94
H35B A1IHE E . -19.39 -4.85 -14.34
H35A A1IHE E . -18.87 -3.62 -15.21
H35C A1IHE E . -17.83 -4.61 -14.52
H36 A1IHE E . -13.39 -3.55 -12.26
H8 A1IHE E . -9.82 -2.13 -15.61
H37 A1IHE E . -13.10 -5.83 -12.84
#